data_1IXM
#
_entry.id   1IXM
#
_cell.length_a   44.400
_cell.length_b   94.400
_cell.length_c   109.700
_cell.angle_alpha   90.00
_cell.angle_beta   90.00
_cell.angle_gamma   90.00
#
_symmetry.space_group_name_H-M   'P 21 21 21'
#
_entity_poly.entity_id   1
_entity_poly.type   'polypeptide(L)'
_entity_poly.pdbx_seq_one_letter_code
;MKDVSKNQEENISDTALTNELIHLLGHSRHDWMNKLQLIKGNLSLQKYDRVFEMIEEMVIDAKHESKLSNLKTPHLAFDF
LTFNWKTHYMTLEYEVLGEIKDLSAYDQKLAKLMRKLFHLFDQAVSRESENHLTVSLQTDHPDRQLILYLDFHGAFADPS
AFDDIRQNGYEDVDIMRFEITSHECLIEIGLD
;
_entity_poly.pdbx_strand_id   A,B
#
# COMPACT_ATOMS: atom_id res chain seq x y z
N SER A 13 19.88 -6.69 1.72
CA SER A 13 19.25 -6.46 3.01
C SER A 13 18.28 -7.58 3.40
N ASP A 14 17.77 -7.51 4.63
CA ASP A 14 16.86 -8.54 5.12
C ASP A 14 15.88 -7.81 6.04
N THR A 15 15.92 -8.03 7.36
CA THR A 15 14.92 -7.56 8.30
C THR A 15 14.64 -6.08 8.29
N ALA A 16 15.76 -5.36 8.25
CA ALA A 16 15.80 -3.92 8.20
C ALA A 16 14.87 -3.31 7.16
N LEU A 17 15.18 -3.64 5.90
CA LEU A 17 14.43 -3.21 4.75
C LEU A 17 12.97 -3.60 4.85
N THR A 18 12.77 -4.86 5.21
CA THR A 18 11.46 -5.49 5.30
C THR A 18 10.49 -4.84 6.26
N ASN A 19 10.96 -4.44 7.45
CA ASN A 19 10.05 -3.88 8.44
C ASN A 19 9.71 -2.46 8.03
N GLU A 20 10.63 -1.83 7.28
CA GLU A 20 10.41 -0.47 6.78
C GLU A 20 9.39 -0.57 5.65
N LEU A 21 9.54 -1.53 4.73
CA LEU A 21 8.61 -1.74 3.63
C LEU A 21 7.23 -2.01 4.16
N ILE A 22 7.14 -2.87 5.18
CA ILE A 22 5.88 -3.22 5.81
C ILE A 22 5.22 -2.05 6.55
N HIS A 23 5.98 -1.08 7.14
CA HIS A 23 5.39 0.09 7.84
C HIS A 23 4.85 1.11 6.86
N LEU A 24 5.56 1.23 5.74
CA LEU A 24 5.13 2.08 4.66
C LEU A 24 3.92 1.50 3.93
N LEU A 25 3.86 0.20 3.68
CA LEU A 25 2.68 -0.37 3.02
C LEU A 25 1.45 -0.22 3.89
N GLY A 26 1.70 -0.02 5.18
CA GLY A 26 0.65 0.19 6.15
C GLY A 26 0.10 1.60 6.14
N HIS A 27 0.92 2.56 5.70
CA HIS A 27 0.48 3.93 5.53
C HIS A 27 -0.47 4.08 4.36
N SER A 28 -0.04 3.47 3.25
CA SER A 28 -0.86 3.31 2.05
C SER A 28 -2.17 2.63 2.36
N ARG A 29 -2.09 1.58 3.19
CA ARG A 29 -3.28 0.87 3.57
C ARG A 29 -4.18 1.80 4.34
N HIS A 30 -3.72 2.59 5.36
CA HIS A 30 -4.56 3.56 6.07
C HIS A 30 -5.22 4.52 5.08
N ASP A 31 -4.45 5.04 4.10
CA ASP A 31 -4.99 5.97 3.11
C ASP A 31 -6.19 5.44 2.34
N TRP A 32 -6.04 4.24 1.77
CA TRP A 32 -7.11 3.56 1.06
C TRP A 32 -8.23 3.20 2.03
N MET A 33 -7.95 2.93 3.31
CA MET A 33 -8.97 2.68 4.29
C MET A 33 -9.87 3.87 4.46
N ASN A 34 -9.23 5.03 4.69
CA ASN A 34 -9.91 6.32 4.83
C ASN A 34 -10.74 6.75 3.65
N LYS A 35 -10.21 6.47 2.45
CA LYS A 35 -10.93 6.69 1.23
C LYS A 35 -12.17 5.84 1.18
N LEU A 36 -12.08 4.56 1.60
CA LEU A 36 -13.27 3.70 1.71
C LEU A 36 -14.27 4.11 2.77
N GLN A 37 -13.78 4.68 3.88
CA GLN A 37 -14.69 5.11 4.94
C GLN A 37 -15.48 6.28 4.42
N LEU A 38 -14.82 7.16 3.66
CA LEU A 38 -15.49 8.31 3.10
C LEU A 38 -16.59 7.94 2.11
N ILE A 39 -16.31 6.98 1.23
CA ILE A 39 -17.27 6.54 0.26
C ILE A 39 -18.46 5.94 0.98
N LYS A 40 -18.25 5.01 1.92
CA LYS A 40 -19.35 4.41 2.66
C LYS A 40 -20.22 5.45 3.37
N GLY A 41 -19.60 6.54 3.88
CA GLY A 41 -20.28 7.65 4.53
C GLY A 41 -21.22 8.40 3.59
N ASN A 42 -20.79 8.54 2.34
CA ASN A 42 -21.60 9.16 1.32
C ASN A 42 -22.61 8.21 0.72
N LEU A 43 -22.42 6.88 0.83
CA LEU A 43 -23.49 5.94 0.46
C LEU A 43 -24.57 6.03 1.55
N SER A 44 -24.11 6.08 2.81
CA SER A 44 -24.98 6.05 3.99
C SER A 44 -25.98 7.18 3.94
N LEU A 45 -25.45 8.40 3.79
CA LEU A 45 -26.28 9.59 3.67
C LEU A 45 -26.86 9.71 2.24
N GLN A 46 -27.10 8.59 1.53
CA GLN A 46 -27.69 8.45 0.21
C GLN A 46 -27.27 9.33 -0.94
N LYS A 47 -26.10 10.00 -0.80
CA LYS A 47 -25.57 10.97 -1.76
C LYS A 47 -24.67 10.37 -2.84
N TYR A 48 -25.30 9.55 -3.65
CA TYR A 48 -24.66 8.81 -4.72
C TYR A 48 -23.75 9.48 -5.73
N ASP A 49 -24.16 10.70 -6.05
CA ASP A 49 -23.43 11.49 -7.01
C ASP A 49 -22.04 11.82 -6.49
N ARG A 50 -21.95 12.16 -5.19
CA ARG A 50 -20.67 12.53 -4.58
C ARG A 50 -19.71 11.34 -4.56
N VAL A 51 -20.27 10.11 -4.52
CA VAL A 51 -19.50 8.89 -4.54
C VAL A 51 -18.89 8.60 -5.91
N PHE A 52 -19.64 8.70 -7.02
CA PHE A 52 -19.02 8.56 -8.34
C PHE A 52 -18.00 9.66 -8.56
N GLU A 53 -18.19 10.89 -8.06
CA GLU A 53 -17.19 11.95 -8.22
C GLU A 53 -15.89 11.60 -7.50
N MET A 54 -16.08 11.06 -6.29
CA MET A 54 -14.99 10.55 -5.48
C MET A 54 -14.21 9.44 -6.15
N ILE A 55 -14.93 8.40 -6.61
CA ILE A 55 -14.25 7.29 -7.23
C ILE A 55 -13.45 7.82 -8.41
N GLU A 56 -13.98 8.77 -9.22
CA GLU A 56 -13.28 9.34 -10.37
C GLU A 56 -11.94 9.95 -10.01
N GLU A 57 -11.94 10.65 -8.88
CA GLU A 57 -10.74 11.29 -8.42
C GLU A 57 -9.72 10.27 -7.98
N MET A 58 -10.11 9.21 -7.24
CA MET A 58 -9.17 8.21 -6.78
C MET A 58 -8.53 7.48 -7.96
N VAL A 59 -9.26 7.47 -9.07
CA VAL A 59 -8.79 6.90 -10.33
C VAL A 59 -7.76 7.80 -10.94
N ILE A 60 -8.03 9.10 -10.83
CA ILE A 60 -7.17 10.14 -11.40
C ILE A 60 -5.87 10.18 -10.63
N ASP A 61 -6.02 10.20 -9.30
CA ASP A 61 -4.91 10.32 -8.38
C ASP A 61 -3.98 9.12 -8.50
N ALA A 62 -4.55 7.93 -8.74
CA ALA A 62 -3.76 6.75 -9.05
C ALA A 62 -3.07 6.91 -10.40
N LYS A 63 -3.68 7.53 -11.45
CA LYS A 63 -3.01 7.75 -12.74
C LYS A 63 -1.75 8.60 -12.57
N HIS A 64 -1.81 9.64 -11.75
CA HIS A 64 -0.64 10.49 -11.56
C HIS A 64 0.43 9.76 -10.78
N GLU A 65 0.04 8.83 -9.90
CA GLU A 65 0.98 8.01 -9.15
C GLU A 65 1.68 7.01 -10.07
N SER A 66 1.02 6.54 -11.13
CA SER A 66 1.70 5.65 -12.06
C SER A 66 2.70 6.45 -12.85
N LYS A 67 2.18 7.60 -13.33
CA LYS A 67 2.95 8.53 -14.11
C LYS A 67 4.26 8.86 -13.42
N LEU A 68 4.18 9.10 -12.13
CA LEU A 68 5.37 9.45 -11.37
C LEU A 68 6.31 8.26 -11.25
N SER A 69 5.67 7.11 -11.06
CA SER A 69 6.39 5.86 -10.91
C SER A 69 7.16 5.42 -12.14
N ASN A 70 6.62 5.82 -13.30
CA ASN A 70 7.22 5.48 -14.58
C ASN A 70 7.94 6.65 -15.29
N LEU A 71 8.18 7.81 -14.66
CA LEU A 71 8.98 8.88 -15.28
C LEU A 71 10.46 8.54 -15.16
N LYS A 72 10.84 7.40 -14.57
CA LYS A 72 12.23 7.01 -14.30
C LYS A 72 12.96 8.03 -13.44
N THR A 73 12.16 8.64 -12.57
CA THR A 73 12.64 9.58 -11.59
C THR A 73 12.28 8.95 -10.25
N PRO A 74 13.13 7.99 -9.92
CA PRO A 74 12.96 7.15 -8.75
C PRO A 74 13.02 7.86 -7.41
N HIS A 75 13.97 8.76 -7.21
CA HIS A 75 14.07 9.35 -5.88
C HIS A 75 13.01 10.40 -5.67
N LEU A 76 12.68 11.26 -6.67
CA LEU A 76 11.58 12.22 -6.59
C LEU A 76 10.27 11.54 -6.29
N ALA A 77 10.07 10.42 -7.02
CA ALA A 77 8.85 9.64 -6.87
C ALA A 77 8.69 9.12 -5.44
N PHE A 78 9.72 8.47 -4.90
CA PHE A 78 9.70 8.04 -3.51
C PHE A 78 9.32 9.14 -2.53
N ASP A 79 9.99 10.28 -2.57
CA ASP A 79 9.73 11.44 -1.70
C ASP A 79 8.30 11.94 -1.78
N PHE A 80 7.79 11.97 -3.01
CA PHE A 80 6.44 12.39 -3.28
C PHE A 80 5.39 11.44 -2.74
N LEU A 81 5.71 10.15 -2.79
CA LEU A 81 4.79 9.10 -2.35
C LEU A 81 4.67 8.97 -0.81
N THR A 82 5.79 9.19 -0.14
CA THR A 82 5.88 9.09 1.30
C THR A 82 5.67 10.38 2.06
N PHE A 83 5.59 11.50 1.35
CA PHE A 83 5.50 12.83 1.95
C PHE A 83 4.59 12.94 3.15
N ASN A 84 3.37 12.46 2.95
CA ASN A 84 2.28 12.55 3.92
C ASN A 84 2.28 11.56 5.09
N TRP A 85 3.18 10.60 4.88
CA TRP A 85 3.45 9.53 5.81
C TRP A 85 4.62 9.92 6.73
N LYS A 86 5.19 11.12 6.52
CA LYS A 86 6.29 11.65 7.31
C LYS A 86 5.87 12.99 7.96
N THR A 87 6.70 13.52 8.85
CA THR A 87 6.30 14.66 9.64
C THR A 87 6.56 16.02 9.00
N HIS A 88 5.46 16.50 8.41
CA HIS A 88 5.43 17.77 7.71
C HIS A 88 4.20 18.56 8.14
N TYR A 89 4.24 19.85 7.84
CA TYR A 89 3.21 20.77 8.28
C TYR A 89 2.37 21.31 7.13
N MET A 90 2.18 20.43 6.15
CA MET A 90 1.42 20.70 4.96
C MET A 90 1.24 19.36 4.24
N THR A 91 0.09 19.16 3.60
CA THR A 91 -0.18 17.98 2.79
C THR A 91 0.36 18.18 1.39
N LEU A 92 0.68 17.11 0.69
CA LEU A 92 1.08 17.18 -0.68
C LEU A 92 0.03 16.52 -1.57
N GLU A 93 0.03 16.95 -2.80
CA GLU A 93 -0.77 16.36 -3.84
C GLU A 93 0.12 16.56 -5.05
N TYR A 94 0.09 15.70 -6.07
CA TYR A 94 0.88 15.96 -7.25
C TYR A 94 0.16 15.49 -8.50
N GLU A 95 0.72 15.90 -9.63
CA GLU A 95 0.11 15.71 -10.92
C GLU A 95 1.26 15.69 -11.89
N VAL A 96 1.07 14.88 -12.90
CA VAL A 96 2.10 14.79 -13.90
C VAL A 96 1.35 15.07 -15.15
N LEU A 97 1.58 16.31 -15.55
CA LEU A 97 1.00 16.90 -16.75
C LEU A 97 1.88 16.70 -17.98
N GLY A 98 1.34 15.86 -18.86
CA GLY A 98 2.00 15.56 -20.12
C GLY A 98 2.30 14.08 -20.25
N GLU A 99 3.01 13.69 -21.31
CA GLU A 99 3.35 12.30 -21.59
C GLU A 99 4.47 11.81 -20.67
N ILE A 100 4.45 10.54 -20.19
CA ILE A 100 5.56 10.01 -19.39
C ILE A 100 6.84 10.06 -20.27
N LYS A 101 7.85 10.72 -19.72
CA LYS A 101 9.08 11.03 -20.43
C LYS A 101 10.29 10.82 -19.52
N ASP A 102 11.33 10.08 -19.95
CA ASP A 102 12.46 9.79 -19.10
C ASP A 102 13.33 10.94 -18.62
N LEU A 103 12.90 11.38 -17.43
CA LEU A 103 13.54 12.45 -16.69
C LEU A 103 14.67 11.88 -15.85
N SER A 104 15.33 10.85 -16.40
CA SER A 104 16.37 10.07 -15.76
C SER A 104 17.50 10.89 -15.15
N ALA A 105 17.97 11.94 -15.85
CA ALA A 105 19.07 12.78 -15.39
C ALA A 105 18.73 13.81 -14.33
N TYR A 106 17.52 14.31 -14.54
CA TYR A 106 16.97 15.37 -13.73
C TYR A 106 16.57 14.86 -12.37
N ASP A 107 16.45 13.54 -12.22
CA ASP A 107 15.90 12.91 -11.02
C ASP A 107 16.37 13.42 -9.67
N GLN A 108 17.67 13.31 -9.55
CA GLN A 108 18.43 13.67 -8.34
C GLN A 108 18.54 15.18 -8.09
N LYS A 109 18.44 15.99 -9.15
CA LYS A 109 18.53 17.45 -9.08
C LYS A 109 17.17 18.02 -8.69
N LEU A 110 16.11 17.46 -9.28
CA LEU A 110 14.69 17.71 -8.96
C LEU A 110 14.38 17.33 -7.52
N ALA A 111 14.74 16.11 -7.13
CA ALA A 111 14.53 15.62 -5.77
C ALA A 111 15.22 16.49 -4.74
N LYS A 112 16.43 16.94 -5.11
CA LYS A 112 17.20 17.81 -4.23
C LYS A 112 16.46 19.13 -3.99
N LEU A 113 15.99 19.72 -5.09
CA LEU A 113 15.27 20.99 -5.08
C LEU A 113 13.95 20.89 -4.35
N MET A 114 13.17 19.85 -4.61
CA MET A 114 11.92 19.64 -3.96
C MET A 114 12.11 19.44 -2.47
N ARG A 115 13.25 18.91 -2.05
CA ARG A 115 13.47 18.77 -0.62
C ARG A 115 13.81 20.12 -0.04
N LYS A 116 14.58 20.96 -0.75
CA LYS A 116 14.93 22.28 -0.23
C LYS A 116 13.71 23.17 -0.14
N LEU A 117 12.84 23.08 -1.14
CA LEU A 117 11.56 23.77 -1.13
C LEU A 117 10.62 23.18 -0.08
N PHE A 118 10.54 21.86 0.15
CA PHE A 118 9.65 21.35 1.20
C PHE A 118 10.06 21.79 2.60
N HIS A 119 11.37 21.96 2.85
CA HIS A 119 11.89 22.45 4.13
C HIS A 119 11.63 23.93 4.33
N LEU A 120 11.82 24.73 3.27
CA LEU A 120 11.47 26.15 3.26
C LEU A 120 9.99 26.21 3.59
N PHE A 121 9.18 25.40 2.91
CA PHE A 121 7.76 25.38 3.20
C PHE A 121 7.49 25.00 4.65
N ASP A 122 8.11 23.97 5.24
CA ASP A 122 7.84 23.59 6.63
C ASP A 122 8.23 24.64 7.66
N GLN A 123 9.17 25.53 7.29
CA GLN A 123 9.58 26.64 8.14
C GLN A 123 8.70 27.89 8.02
N ALA A 124 7.99 27.97 6.88
CA ALA A 124 7.11 29.09 6.55
C ALA A 124 5.62 28.88 6.82
N VAL A 125 5.03 27.71 6.52
CA VAL A 125 3.60 27.51 6.79
C VAL A 125 3.20 27.54 8.28
N SER A 126 1.98 27.99 8.58
CA SER A 126 1.46 27.99 9.94
C SER A 126 1.23 26.55 10.39
N ARG A 127 2.02 26.12 11.39
CA ARG A 127 1.90 24.78 11.95
C ARG A 127 0.48 24.50 12.45
N GLU A 128 -0.25 25.58 12.78
CA GLU A 128 -1.62 25.49 13.27
C GLU A 128 -2.73 25.73 12.23
N SER A 129 -2.42 25.45 10.94
CA SER A 129 -3.27 25.65 9.76
C SER A 129 -3.34 24.49 8.80
N GLU A 130 -4.46 24.22 8.12
CA GLU A 130 -4.43 23.11 7.19
C GLU A 130 -3.92 23.45 5.79
N ASN A 131 -2.59 23.47 5.75
CA ASN A 131 -1.81 23.79 4.56
C ASN A 131 -1.78 22.73 3.50
N HIS A 132 -1.78 23.07 2.22
CA HIS A 132 -1.81 22.09 1.14
C HIS A 132 -0.99 22.64 -0.02
N LEU A 133 -0.30 21.71 -0.67
CA LEU A 133 0.56 21.99 -1.82
C LEU A 133 0.31 20.95 -2.89
N THR A 134 0.21 21.51 -4.08
CA THR A 134 -0.06 20.72 -5.26
C THR A 134 1.14 21.03 -6.13
N VAL A 135 1.71 19.99 -6.75
CA VAL A 135 2.89 20.11 -7.58
C VAL A 135 2.53 19.43 -8.88
N SER A 136 2.65 20.18 -9.98
CA SER A 136 2.35 19.67 -11.30
C SER A 136 3.61 19.70 -12.15
N LEU A 137 4.12 18.51 -12.47
CA LEU A 137 5.28 18.38 -13.32
C LEU A 137 4.79 18.39 -14.75
N GLN A 138 5.18 19.45 -15.47
CA GLN A 138 4.82 19.60 -16.86
C GLN A 138 5.99 19.11 -17.68
N THR A 139 5.77 17.87 -18.11
CA THR A 139 6.67 17.15 -19.01
C THR A 139 6.13 17.41 -20.44
N ASP A 140 5.80 18.65 -20.85
CA ASP A 140 5.16 18.85 -22.15
C ASP A 140 5.33 20.23 -22.78
N HIS A 141 5.98 21.17 -22.10
CA HIS A 141 6.12 22.51 -22.66
C HIS A 141 7.06 22.45 -23.84
N PRO A 142 6.62 23.20 -24.85
CA PRO A 142 7.34 23.29 -26.09
C PRO A 142 8.72 23.90 -25.93
N ASP A 143 8.72 24.98 -25.13
CA ASP A 143 9.91 25.78 -24.86
C ASP A 143 10.89 25.03 -23.96
N ARG A 144 10.69 24.86 -22.64
CA ARG A 144 11.59 24.06 -21.84
C ARG A 144 10.93 22.74 -21.39
N GLN A 145 11.73 21.67 -21.43
CA GLN A 145 11.34 20.28 -21.13
C GLN A 145 10.72 19.82 -19.80
N LEU A 146 10.57 20.76 -18.85
CA LEU A 146 10.04 20.42 -17.55
C LEU A 146 9.68 21.64 -16.70
N ILE A 147 8.42 21.82 -16.26
CA ILE A 147 8.11 22.89 -15.32
C ILE A 147 7.38 22.40 -14.07
N LEU A 148 7.98 22.60 -12.89
CA LEU A 148 7.38 22.29 -11.60
C LEU A 148 6.51 23.45 -11.18
N TYR A 149 5.23 23.17 -11.00
CA TYR A 149 4.27 24.17 -10.57
C TYR A 149 3.82 23.97 -9.13
N LEU A 150 3.98 24.95 -8.27
CA LEU A 150 3.54 24.82 -6.90
C LEU A 150 2.35 25.67 -6.55
N ASP A 151 1.14 25.12 -6.28
CA ASP A 151 0.02 25.96 -5.83
C ASP A 151 -0.20 25.59 -4.38
N PHE A 152 0.25 26.49 -3.51
CA PHE A 152 0.08 26.38 -2.06
C PHE A 152 -1.10 27.20 -1.59
N HIS A 153 -1.82 26.60 -0.66
CA HIS A 153 -2.91 27.22 0.04
C HIS A 153 -2.88 26.77 1.48
N GLY A 154 -2.89 27.78 2.30
CA GLY A 154 -2.83 27.58 3.72
C GLY A 154 -2.59 28.94 4.33
N ALA A 155 -1.76 28.98 5.34
CA ALA A 155 -1.48 30.23 6.00
C ALA A 155 -0.01 30.21 6.36
N PHE A 156 0.54 31.39 6.65
CA PHE A 156 1.95 31.49 6.95
C PHE A 156 2.22 31.97 8.38
N ALA A 157 3.48 31.67 8.78
CA ALA A 157 4.12 32.00 10.04
C ALA A 157 5.32 32.88 9.65
N ASP A 158 6.55 32.46 9.30
CA ASP A 158 7.55 33.42 8.80
C ASP A 158 7.51 33.32 7.28
N PRO A 159 6.60 34.12 6.68
CA PRO A 159 6.47 34.19 5.23
C PRO A 159 7.78 34.59 4.53
N SER A 160 8.60 35.32 5.32
CA SER A 160 9.96 35.79 5.00
C SER A 160 10.98 34.76 4.51
N ALA A 161 10.81 33.49 4.92
CA ALA A 161 11.65 32.33 4.56
C ALA A 161 11.82 32.10 3.06
N PHE A 162 11.01 32.83 2.27
CA PHE A 162 11.03 32.80 0.83
C PHE A 162 11.80 33.90 0.13
N ASP A 174 14.88 27.70 -13.18
CA ASP A 174 14.67 29.13 -13.07
C ASP A 174 13.28 29.43 -12.52
N ILE A 175 13.14 30.29 -11.49
CA ILE A 175 11.83 30.67 -10.96
C ILE A 175 11.12 31.61 -11.95
N MET A 176 10.08 31.11 -12.64
CA MET A 176 9.37 31.87 -13.67
C MET A 176 8.09 32.54 -13.16
N ARG A 177 7.98 32.44 -11.83
CA ARG A 177 6.92 33.05 -11.06
C ARG A 177 7.27 32.68 -9.63
N PHE A 178 6.81 33.63 -8.83
CA PHE A 178 6.81 33.53 -7.39
C PHE A 178 5.88 34.65 -7.00
N GLU A 179 4.87 34.23 -6.29
CA GLU A 179 3.84 35.15 -5.92
C GLU A 179 3.24 34.63 -4.63
N ILE A 180 3.80 35.06 -3.50
CA ILE A 180 3.24 34.66 -2.24
C ILE A 180 2.29 35.74 -1.79
N THR A 181 1.03 35.37 -1.56
CA THR A 181 0.09 36.28 -0.94
C THR A 181 -0.19 35.77 0.49
N SER A 182 -1.33 36.01 1.15
CA SER A 182 -1.50 35.57 2.53
C SER A 182 -1.86 34.08 2.64
N HIS A 183 -2.56 33.54 1.65
CA HIS A 183 -3.04 32.16 1.64
C HIS A 183 -2.80 31.43 0.32
N GLU A 184 -1.81 31.94 -0.40
CA GLU A 184 -1.39 31.37 -1.67
C GLU A 184 0.11 31.72 -1.89
N CYS A 185 0.73 30.82 -2.64
CA CYS A 185 2.13 30.95 -3.02
C CYS A 185 2.17 30.12 -4.27
N LEU A 186 2.48 30.87 -5.31
CA LEU A 186 2.60 30.31 -6.63
C LEU A 186 4.06 30.41 -6.99
N ILE A 187 4.63 29.28 -7.38
CA ILE A 187 6.02 29.23 -7.78
C ILE A 187 5.99 28.44 -9.06
N GLU A 188 6.64 28.94 -10.10
CA GLU A 188 6.77 28.18 -11.33
C GLU A 188 8.26 28.00 -11.45
N ILE A 189 8.67 26.80 -11.83
CA ILE A 189 10.08 26.49 -11.94
C ILE A 189 10.23 25.75 -13.25
N GLY A 190 11.16 26.22 -14.06
CA GLY A 190 11.43 25.56 -15.32
C GLY A 190 12.86 25.03 -15.37
N LEU A 191 13.09 23.95 -16.14
CA LEU A 191 14.43 23.44 -16.39
C LEU A 191 14.69 23.12 -17.86
N ASN B 11 21.44 -0.37 8.76
CA ASN B 11 21.14 0.82 7.97
C ASN B 11 20.57 0.36 6.64
N ILE B 12 19.31 0.75 6.29
CA ILE B 12 18.65 0.31 5.06
C ILE B 12 19.18 1.07 3.83
N SER B 13 19.40 0.39 2.68
CA SER B 13 19.90 1.05 1.49
C SER B 13 18.73 1.82 0.87
N ASP B 14 18.70 3.16 0.94
CA ASP B 14 17.63 3.92 0.31
C ASP B 14 17.55 3.65 -1.20
N THR B 15 18.61 3.15 -1.87
CA THR B 15 18.58 2.78 -3.27
C THR B 15 17.72 1.54 -3.44
N ALA B 16 17.77 0.61 -2.48
CA ALA B 16 16.91 -0.57 -2.52
C ALA B 16 15.48 -0.22 -2.15
N LEU B 17 15.33 0.51 -1.03
CA LEU B 17 14.07 0.95 -0.49
C LEU B 17 13.21 1.78 -1.42
N THR B 18 13.85 2.69 -2.13
CA THR B 18 13.15 3.52 -3.09
C THR B 18 12.55 2.60 -4.16
N ASN B 19 13.46 1.87 -4.80
CA ASN B 19 13.07 1.06 -5.93
C ASN B 19 12.01 0.02 -5.57
N GLU B 20 12.10 -0.50 -4.36
CA GLU B 20 11.13 -1.50 -4.01
C GLU B 20 9.85 -0.88 -3.51
N LEU B 21 9.86 0.23 -2.74
CA LEU B 21 8.61 0.91 -2.44
C LEU B 21 7.78 1.26 -3.69
N ILE B 22 8.41 1.72 -4.79
CA ILE B 22 7.68 2.04 -6.02
C ILE B 22 7.10 0.78 -6.68
N HIS B 23 7.81 -0.37 -6.63
CA HIS B 23 7.36 -1.65 -7.21
C HIS B 23 6.19 -2.17 -6.41
N LEU B 24 6.30 -2.14 -5.07
CA LEU B 24 5.27 -2.69 -4.24
C LEU B 24 4.08 -1.78 -4.25
N LEU B 25 4.19 -0.46 -4.08
CA LEU B 25 3.01 0.42 -4.20
C LEU B 25 2.33 0.36 -5.54
N GLY B 26 3.08 -0.12 -6.53
CA GLY B 26 2.54 -0.30 -7.84
C GLY B 26 1.54 -1.42 -7.80
N HIS B 27 1.91 -2.51 -7.14
CA HIS B 27 1.03 -3.65 -6.98
C HIS B 27 -0.17 -3.31 -6.09
N SER B 28 0.05 -2.66 -4.91
CA SER B 28 -1.05 -2.23 -4.02
C SER B 28 -1.99 -1.35 -4.80
N ARG B 29 -1.50 -0.48 -5.66
CA ARG B 29 -2.36 0.36 -6.48
C ARG B 29 -3.20 -0.41 -7.49
N HIS B 30 -2.74 -1.45 -8.20
CA HIS B 30 -3.51 -2.25 -9.16
C HIS B 30 -4.67 -2.94 -8.43
N ASP B 31 -4.44 -3.38 -7.17
CA ASP B 31 -5.45 -4.02 -6.36
C ASP B 31 -6.54 -3.04 -5.99
N TRP B 32 -6.15 -1.91 -5.39
CA TRP B 32 -7.04 -0.83 -5.03
C TRP B 32 -7.81 -0.38 -6.27
N MET B 33 -7.24 -0.36 -7.50
CA MET B 33 -8.00 -0.03 -8.70
C MET B 33 -9.03 -1.13 -8.93
N ASN B 34 -8.58 -2.40 -9.04
CA ASN B 34 -9.45 -3.58 -9.23
C ASN B 34 -10.57 -3.72 -8.21
N LYS B 35 -10.41 -3.06 -7.04
CA LYS B 35 -11.41 -3.00 -5.98
C LYS B 35 -12.40 -1.89 -6.24
N LEU B 36 -11.94 -0.65 -6.48
CA LEU B 36 -12.84 0.46 -6.79
C LEU B 36 -13.72 0.16 -7.97
N GLN B 37 -13.14 -0.45 -9.01
CA GLN B 37 -13.88 -0.87 -10.17
C GLN B 37 -15.01 -1.81 -9.77
N LEU B 38 -14.81 -2.79 -8.87
CA LEU B 38 -15.90 -3.64 -8.45
C LEU B 38 -16.97 -2.82 -7.78
N ILE B 39 -16.53 -1.85 -6.97
CA ILE B 39 -17.47 -1.00 -6.25
C ILE B 39 -18.37 -0.21 -7.16
N LYS B 40 -17.72 0.44 -8.13
CA LYS B 40 -18.35 1.30 -9.11
C LYS B 40 -19.26 0.48 -10.00
N GLY B 41 -18.78 -0.69 -10.43
CA GLY B 41 -19.53 -1.59 -11.27
C GLY B 41 -20.84 -1.91 -10.61
N ASN B 42 -20.83 -2.32 -9.33
CA ASN B 42 -22.11 -2.66 -8.75
C ASN B 42 -22.82 -1.44 -8.18
N LEU B 43 -22.17 -0.28 -8.14
CA LEU B 43 -22.86 0.95 -7.79
C LEU B 43 -23.67 1.47 -8.99
N SER B 44 -23.05 1.42 -10.17
CA SER B 44 -23.62 1.74 -11.48
C SER B 44 -24.69 0.75 -11.95
N LEU B 45 -24.90 -0.37 -11.25
CA LEU B 45 -26.02 -1.26 -11.56
C LEU B 45 -27.02 -1.23 -10.38
N GLN B 46 -27.15 -0.07 -9.73
CA GLN B 46 -27.87 0.15 -8.48
C GLN B 46 -27.90 -0.88 -7.35
N LYS B 47 -26.89 -1.10 -6.51
CA LYS B 47 -26.90 -2.25 -5.60
C LYS B 47 -26.11 -1.91 -4.37
N TYR B 48 -26.71 -1.01 -3.58
CA TYR B 48 -26.03 -0.56 -2.38
C TYR B 48 -25.88 -1.62 -1.32
N ASP B 49 -26.87 -2.54 -1.17
CA ASP B 49 -26.75 -3.61 -0.22
C ASP B 49 -25.43 -4.29 -0.53
N ARG B 50 -25.14 -4.69 -1.79
CA ARG B 50 -23.85 -5.32 -2.09
C ARG B 50 -22.62 -4.45 -1.90
N VAL B 51 -22.79 -3.15 -2.20
CA VAL B 51 -21.68 -2.22 -2.15
C VAL B 51 -21.23 -1.99 -0.72
N PHE B 52 -22.12 -1.89 0.29
CA PHE B 52 -21.68 -1.77 1.67
C PHE B 52 -21.08 -3.10 2.13
N GLU B 53 -21.64 -4.24 1.69
CA GLU B 53 -21.10 -5.53 2.05
C GLU B 53 -19.64 -5.57 1.64
N MET B 54 -19.40 -5.11 0.40
CA MET B 54 -18.07 -5.09 -0.20
C MET B 54 -17.07 -4.23 0.53
N ILE B 55 -17.52 -3.05 1.00
CA ILE B 55 -16.66 -2.15 1.75
C ILE B 55 -16.34 -2.72 3.12
N GLU B 56 -17.37 -3.23 3.81
CA GLU B 56 -17.25 -3.84 5.13
C GLU B 56 -16.28 -5.03 5.10
N GLU B 57 -16.36 -5.84 4.03
CA GLU B 57 -15.47 -6.96 3.77
C GLU B 57 -14.05 -6.46 3.49
N MET B 58 -13.91 -5.39 2.68
CA MET B 58 -12.58 -4.86 2.36
C MET B 58 -11.83 -4.31 3.59
N VAL B 59 -12.61 -3.69 4.49
CA VAL B 59 -12.07 -3.24 5.77
C VAL B 59 -11.61 -4.36 6.67
N ILE B 60 -12.42 -5.42 6.75
CA ILE B 60 -12.12 -6.62 7.48
C ILE B 60 -10.73 -7.10 7.12
N ASP B 61 -10.53 -7.37 5.82
CA ASP B 61 -9.25 -7.85 5.29
C ASP B 61 -8.10 -6.91 5.52
N ALA B 62 -8.32 -5.59 5.55
CA ALA B 62 -7.26 -4.64 5.84
C ALA B 62 -6.99 -4.55 7.32
N LYS B 63 -7.97 -4.96 8.14
CA LYS B 63 -7.78 -4.99 9.59
C LYS B 63 -6.88 -6.14 9.98
N HIS B 64 -6.93 -7.26 9.23
CA HIS B 64 -6.07 -8.41 9.43
C HIS B 64 -4.67 -8.15 8.91
N GLU B 65 -4.54 -7.36 7.83
CA GLU B 65 -3.24 -6.98 7.30
C GLU B 65 -2.46 -6.09 8.25
N SER B 66 -3.25 -5.28 8.96
CA SER B 66 -2.77 -4.37 9.98
C SER B 66 -2.27 -5.11 11.21
N LYS B 67 -3.08 -6.10 11.62
CA LYS B 67 -2.74 -7.01 12.71
C LYS B 67 -1.49 -7.85 12.42
N LEU B 68 -1.39 -8.49 11.25
CA LEU B 68 -0.20 -9.23 10.82
C LEU B 68 1.02 -8.30 10.76
N SER B 69 0.80 -7.03 10.43
CA SER B 69 1.86 -6.04 10.45
C SER B 69 2.30 -5.72 11.87
N ASN B 70 1.33 -5.61 12.78
CA ASN B 70 1.62 -5.27 14.16
C ASN B 70 1.91 -6.45 15.09
N LEU B 71 2.08 -7.69 14.58
CA LEU B 71 2.52 -8.83 15.40
C LEU B 71 4.04 -8.85 15.53
N LYS B 72 4.73 -7.78 15.08
CA LYS B 72 6.18 -7.67 15.06
C LYS B 72 6.81 -8.85 14.33
N THR B 73 6.10 -9.52 13.41
CA THR B 73 6.71 -10.56 12.64
C THR B 73 6.89 -10.01 11.22
N PRO B 74 8.01 -9.29 11.08
CA PRO B 74 8.47 -8.65 9.85
C PRO B 74 8.45 -9.44 8.53
N HIS B 75 9.08 -10.61 8.54
CA HIS B 75 9.13 -11.46 7.36
C HIS B 75 7.93 -12.29 7.08
N LEU B 76 7.22 -12.67 8.13
CA LEU B 76 6.00 -13.43 7.94
C LEU B 76 5.00 -12.48 7.27
N ALA B 77 4.87 -11.26 7.80
CA ALA B 77 3.96 -10.27 7.25
C ALA B 77 4.29 -9.97 5.83
N PHE B 78 5.59 -9.74 5.60
CA PHE B 78 6.03 -9.41 4.27
C PHE B 78 5.66 -10.50 3.28
N ASP B 79 6.16 -11.73 3.52
CA ASP B 79 5.86 -12.89 2.69
C ASP B 79 4.38 -13.09 2.47
N PHE B 80 3.53 -12.77 3.45
CA PHE B 80 2.07 -12.82 3.34
C PHE B 80 1.43 -11.65 2.55
N LEU B 81 1.88 -10.37 2.62
CA LEU B 81 1.29 -9.26 1.86
C LEU B 81 1.63 -9.38 0.40
N THR B 82 2.93 -9.59 0.16
CA THR B 82 3.44 -9.78 -1.18
C THR B 82 3.10 -11.12 -1.81
N PHE B 83 2.54 -12.10 -1.04
CA PHE B 83 2.27 -13.44 -1.55
C PHE B 83 1.48 -13.36 -2.82
N ASN B 84 0.32 -12.72 -2.76
CA ASN B 84 -0.51 -12.70 -3.92
C ASN B 84 -0.08 -11.90 -5.12
N TRP B 85 0.92 -11.06 -4.90
CA TRP B 85 1.48 -10.27 -5.97
C TRP B 85 2.56 -11.06 -6.70
N LYS B 86 3.15 -12.04 -6.00
CA LYS B 86 4.25 -12.78 -6.57
C LYS B 86 4.05 -14.27 -6.82
N THR B 87 3.11 -15.01 -6.24
CA THR B 87 2.92 -16.44 -6.56
C THR B 87 1.52 -16.62 -7.11
N HIS B 88 1.53 -17.13 -8.32
CA HIS B 88 0.27 -17.41 -8.98
C HIS B 88 -0.34 -18.78 -8.57
N TYR B 89 0.36 -19.58 -7.73
CA TYR B 89 0.01 -20.95 -7.32
C TYR B 89 -1.37 -21.20 -6.69
N MET B 90 -1.78 -20.27 -5.83
CA MET B 90 -3.05 -20.29 -5.11
C MET B 90 -3.23 -18.91 -4.45
N THR B 91 -4.43 -18.51 -4.04
CA THR B 91 -4.62 -17.18 -3.46
C THR B 91 -4.54 -17.28 -1.95
N LEU B 92 -3.54 -16.65 -1.32
CA LEU B 92 -3.48 -16.60 0.15
C LEU B 92 -4.53 -15.62 0.71
N GLU B 93 -4.97 -15.84 1.93
CA GLU B 93 -5.89 -14.98 2.63
C GLU B 93 -5.60 -15.34 4.07
N TYR B 94 -5.56 -14.33 4.93
CA TYR B 94 -5.20 -14.54 6.32
C TYR B 94 -5.93 -13.73 7.39
N GLU B 95 -5.98 -14.35 8.57
CA GLU B 95 -6.63 -13.68 9.68
C GLU B 95 -5.76 -13.82 10.90
N VAL B 96 -5.83 -12.75 11.71
CA VAL B 96 -5.16 -12.79 12.98
C VAL B 96 -6.31 -12.77 13.96
N LEU B 97 -6.33 -13.85 14.72
CA LEU B 97 -7.39 -14.12 15.68
C LEU B 97 -6.81 -14.07 17.07
N GLY B 98 -7.40 -13.13 17.80
CA GLY B 98 -6.96 -12.80 19.13
C GLY B 98 -6.25 -11.47 19.01
N GLU B 99 -6.04 -10.90 20.19
CA GLU B 99 -5.30 -9.65 20.29
C GLU B 99 -3.87 -9.81 19.79
N ILE B 100 -3.42 -8.68 19.26
CA ILE B 100 -2.08 -8.59 18.74
C ILE B 100 -1.12 -8.85 19.92
N LYS B 101 0.00 -9.49 19.60
CA LYS B 101 1.06 -9.77 20.55
C LYS B 101 2.38 -9.48 19.86
N ASP B 102 3.50 -9.35 20.61
CA ASP B 102 4.84 -9.25 20.02
C ASP B 102 5.42 -10.65 19.81
N LEU B 103 5.35 -11.16 18.60
CA LEU B 103 5.94 -12.46 18.30
C LEU B 103 7.28 -12.29 17.57
N SER B 104 7.98 -11.18 17.87
CA SER B 104 9.24 -10.84 17.24
C SER B 104 10.23 -11.97 17.23
N ALA B 105 10.29 -12.65 18.37
CA ALA B 105 11.14 -13.79 18.60
C ALA B 105 10.82 -15.06 17.78
N TYR B 106 9.63 -15.10 17.16
CA TYR B 106 9.18 -16.22 16.33
C TYR B 106 9.05 -15.89 14.85
N ASP B 107 9.31 -14.62 14.47
CA ASP B 107 9.27 -14.27 13.06
C ASP B 107 10.13 -15.14 12.15
N GLN B 108 11.39 -15.44 12.52
CA GLN B 108 12.24 -16.25 11.65
C GLN B 108 11.74 -17.68 11.57
N LYS B 109 11.31 -18.28 12.69
CA LYS B 109 10.75 -19.64 12.69
C LYS B 109 9.45 -19.71 11.88
N LEU B 110 8.43 -18.91 12.21
CA LEU B 110 7.16 -18.91 11.51
C LEU B 110 7.26 -18.68 10.02
N ALA B 111 8.21 -17.80 9.65
CA ALA B 111 8.40 -17.44 8.26
C ALA B 111 8.93 -18.55 7.40
N LYS B 112 9.98 -19.21 7.94
CA LYS B 112 10.63 -20.28 7.21
C LYS B 112 9.76 -21.53 7.07
N LEU B 113 8.95 -21.68 8.10
CA LEU B 113 7.97 -22.74 8.16
C LEU B 113 6.94 -22.52 7.08
N MET B 114 6.34 -21.32 7.06
CA MET B 114 5.35 -20.98 6.06
C MET B 114 5.98 -21.11 4.69
N ARG B 115 7.24 -20.69 4.47
CA ARG B 115 7.86 -20.89 3.17
C ARG B 115 7.98 -22.34 2.76
N LYS B 116 8.25 -23.18 3.76
CA LYS B 116 8.36 -24.60 3.52
C LYS B 116 7.00 -25.15 3.17
N LEU B 117 5.94 -24.78 3.89
CA LEU B 117 4.58 -25.23 3.59
C LEU B 117 4.04 -24.76 2.24
N PHE B 118 4.35 -23.51 1.87
CA PHE B 118 3.98 -22.99 0.56
C PHE B 118 4.67 -23.81 -0.53
N HIS B 119 5.97 -24.09 -0.34
CA HIS B 119 6.71 -24.88 -1.31
C HIS B 119 6.03 -26.23 -1.47
N LEU B 120 5.73 -26.93 -0.38
CA LEU B 120 5.16 -28.26 -0.56
C LEU B 120 3.72 -28.16 -0.99
N PHE B 121 3.07 -27.00 -0.86
CA PHE B 121 1.72 -26.84 -1.41
C PHE B 121 1.74 -26.57 -2.90
N ASP B 122 2.82 -25.92 -3.36
CA ASP B 122 3.02 -25.60 -4.77
C ASP B 122 3.42 -26.84 -5.54
N GLN B 123 4.17 -27.75 -4.87
CA GLN B 123 4.53 -29.05 -5.44
C GLN B 123 3.32 -29.98 -5.52
N ALA B 124 2.27 -29.66 -4.77
CA ALA B 124 1.07 -30.46 -4.71
C ALA B 124 -0.26 -29.89 -5.21
N VAL B 125 -0.52 -28.58 -5.28
CA VAL B 125 -1.83 -28.12 -5.70
C VAL B 125 -1.98 -28.27 -7.21
N SER B 126 -3.22 -28.40 -7.72
CA SER B 126 -3.49 -28.60 -9.14
C SER B 126 -3.79 -27.30 -9.84
N ARG B 127 -2.91 -27.03 -10.80
CA ARG B 127 -3.01 -25.85 -11.63
C ARG B 127 -4.08 -26.07 -12.71
N GLU B 128 -5.35 -25.97 -12.28
CA GLU B 128 -6.55 -26.17 -13.10
C GLU B 128 -7.85 -25.84 -12.33
N SER B 129 -7.76 -25.71 -11.00
CA SER B 129 -8.89 -25.44 -10.11
C SER B 129 -8.61 -24.18 -9.32
N GLU B 130 -9.60 -23.50 -8.73
CA GLU B 130 -9.37 -22.34 -7.87
C GLU B 130 -8.89 -22.78 -6.47
N ASN B 131 -7.57 -22.91 -6.34
CA ASN B 131 -6.84 -23.32 -5.14
C ASN B 131 -6.70 -22.11 -4.22
N HIS B 132 -7.32 -22.10 -3.05
CA HIS B 132 -7.24 -20.98 -2.13
C HIS B 132 -6.69 -21.45 -0.79
N LEU B 133 -5.89 -20.63 -0.10
CA LEU B 133 -5.42 -20.98 1.23
C LEU B 133 -5.64 -19.86 2.21
N THR B 134 -6.31 -20.21 3.32
CA THR B 134 -6.53 -19.31 4.42
C THR B 134 -5.62 -19.74 5.56
N VAL B 135 -4.94 -18.78 6.14
CA VAL B 135 -4.03 -19.01 7.23
C VAL B 135 -4.63 -18.22 8.34
N SER B 136 -5.02 -18.83 9.46
CA SER B 136 -5.56 -18.07 10.56
C SER B 136 -4.57 -18.32 11.68
N LEU B 137 -3.95 -17.25 12.17
CA LEU B 137 -3.00 -17.31 13.25
C LEU B 137 -3.74 -17.08 14.53
N GLN B 138 -3.62 -17.92 15.57
CA GLN B 138 -4.30 -17.71 16.84
C GLN B 138 -3.30 -17.27 17.91
N THR B 139 -3.50 -16.12 18.57
CA THR B 139 -2.64 -15.65 19.68
C THR B 139 -3.24 -15.96 21.07
N ASP B 140 -4.57 -15.99 21.07
CA ASP B 140 -5.52 -16.30 22.13
C ASP B 140 -5.49 -17.76 22.61
N HIS B 141 -4.43 -18.49 22.97
CA HIS B 141 -4.65 -19.85 23.45
C HIS B 141 -4.03 -19.92 24.79
N PRO B 142 -4.82 -20.55 25.65
CA PRO B 142 -4.43 -20.77 27.02
C PRO B 142 -3.00 -21.31 27.21
N ASP B 143 -2.55 -22.39 26.51
CA ASP B 143 -1.22 -22.96 26.67
C ASP B 143 -0.46 -23.40 25.43
N ARG B 144 -0.27 -22.39 24.56
CA ARG B 144 0.48 -22.46 23.29
C ARG B 144 0.62 -21.03 22.79
N GLN B 145 1.79 -20.62 22.27
CA GLN B 145 2.04 -19.21 21.91
C GLN B 145 1.27 -18.76 20.70
N LEU B 146 1.24 -19.66 19.72
CA LEU B 146 0.46 -19.43 18.54
C LEU B 146 -0.03 -20.77 18.02
N ILE B 147 -1.21 -20.77 17.43
CA ILE B 147 -1.61 -21.96 16.71
C ILE B 147 -1.84 -21.41 15.34
N LEU B 148 -1.30 -22.03 14.29
CA LEU B 148 -1.59 -21.62 12.92
C LEU B 148 -2.49 -22.68 12.32
N TYR B 149 -3.61 -22.23 11.81
CA TYR B 149 -4.58 -23.08 11.17
C TYR B 149 -4.48 -22.82 9.67
N LEU B 150 -4.29 -23.86 8.90
CA LEU B 150 -4.29 -23.68 7.47
C LEU B 150 -5.49 -24.39 6.83
N ASP B 151 -6.39 -23.61 6.24
CA ASP B 151 -7.54 -24.21 5.58
C ASP B 151 -7.47 -23.91 4.09
N PHE B 152 -7.23 -25.01 3.37
CA PHE B 152 -7.09 -25.08 1.93
C PHE B 152 -8.37 -25.61 1.30
N HIS B 153 -8.66 -25.01 0.15
CA HIS B 153 -9.78 -25.41 -0.68
C HIS B 153 -9.18 -25.50 -2.07
N GLY B 154 -9.51 -26.50 -2.87
CA GLY B 154 -8.91 -26.62 -4.19
C GLY B 154 -9.01 -27.99 -4.84
N ALA B 155 -7.80 -28.44 -5.24
CA ALA B 155 -7.62 -29.74 -5.86
C ALA B 155 -6.12 -30.01 -5.90
N PHE B 156 -5.75 -31.27 -5.76
CA PHE B 156 -4.34 -31.58 -5.78
C PHE B 156 -3.95 -32.31 -7.05
N ALA B 157 -2.64 -32.35 -7.28
CA ALA B 157 -2.02 -33.08 -8.38
C ALA B 157 -1.29 -34.12 -7.55
N ASP B 158 -0.10 -33.83 -6.99
CA ASP B 158 0.59 -34.76 -6.12
C ASP B 158 0.07 -34.66 -4.67
N PRO B 159 -1.11 -35.25 -4.37
CA PRO B 159 -1.65 -35.28 -3.00
C PRO B 159 -0.66 -35.85 -2.00
N SER B 160 0.22 -36.71 -2.54
CA SER B 160 1.30 -37.39 -1.86
C SER B 160 2.42 -36.55 -1.27
N ALA B 161 2.65 -35.33 -1.81
CA ALA B 161 3.72 -34.45 -1.37
C ALA B 161 3.71 -33.91 0.06
N PHE B 162 2.63 -34.15 0.76
CA PHE B 162 2.50 -33.78 2.16
C PHE B 162 2.80 -34.94 3.04
N ASP B 163 2.12 -36.06 2.72
CA ASP B 163 2.13 -37.37 3.39
C ASP B 163 3.61 -37.69 3.43
N ASP B 164 4.10 -37.20 4.57
CA ASP B 164 5.53 -37.06 4.89
C ASP B 164 5.58 -36.48 6.32
N ILE B 165 5.11 -35.24 6.32
CA ILE B 165 5.09 -34.31 7.42
C ILE B 165 4.88 -34.91 8.80
N VAL B 173 8.15 -27.46 15.28
CA VAL B 173 6.80 -27.05 15.56
C VAL B 173 5.92 -28.29 15.67
N ASP B 174 4.88 -28.36 16.52
CA ASP B 174 4.07 -29.57 16.65
C ASP B 174 2.95 -29.51 15.65
N ILE B 175 2.98 -30.31 14.56
CA ILE B 175 1.84 -30.38 13.65
C ILE B 175 0.69 -31.14 14.36
N MET B 176 -0.16 -30.36 15.05
CA MET B 176 -1.30 -30.86 15.82
C MET B 176 -2.36 -31.64 15.02
N ARG B 177 -2.64 -31.29 13.77
CA ARG B 177 -3.66 -31.95 12.97
C ARG B 177 -3.35 -31.94 11.46
N PHE B 178 -3.74 -32.98 10.69
CA PHE B 178 -3.57 -33.01 9.25
C PHE B 178 -4.58 -33.94 8.61
N GLU B 179 -5.51 -33.28 7.90
CA GLU B 179 -6.54 -33.93 7.14
C GLU B 179 -6.46 -33.57 5.65
N ILE B 180 -6.33 -34.58 4.80
CA ILE B 180 -6.41 -34.38 3.37
C ILE B 180 -7.70 -34.99 2.87
N THR B 181 -8.49 -34.21 2.15
CA THR B 181 -9.65 -34.73 1.46
C THR B 181 -9.25 -34.51 0.01
N SER B 182 -10.11 -34.84 -0.97
CA SER B 182 -9.79 -34.66 -2.40
C SER B 182 -9.74 -33.19 -2.87
N HIS B 183 -10.29 -32.31 -2.05
CA HIS B 183 -10.41 -30.90 -2.41
C HIS B 183 -10.30 -30.00 -1.18
N GLU B 184 -9.69 -30.50 -0.10
CA GLU B 184 -9.48 -29.74 1.13
C GLU B 184 -8.29 -30.29 1.92
N CYS B 185 -7.71 -29.45 2.77
CA CYS B 185 -6.59 -29.82 3.62
C CYS B 185 -6.66 -29.03 4.91
N LEU B 186 -6.59 -29.69 6.05
CA LEU B 186 -6.59 -28.94 7.29
C LEU B 186 -5.28 -29.29 7.98
N ILE B 187 -4.43 -28.30 8.16
CA ILE B 187 -3.23 -28.49 8.91
C ILE B 187 -3.38 -27.56 10.11
N GLU B 188 -2.92 -27.95 11.30
CA GLU B 188 -2.90 -27.03 12.42
C GLU B 188 -1.53 -27.17 13.07
N ILE B 189 -0.72 -26.12 13.04
CA ILE B 189 0.58 -26.15 13.67
C ILE B 189 0.42 -25.44 15.01
N GLY B 190 1.13 -25.99 16.01
CA GLY B 190 1.12 -25.43 17.34
C GLY B 190 2.52 -24.97 17.70
N LEU B 191 2.64 -23.93 18.53
CA LEU B 191 3.93 -23.38 18.93
C LEU B 191 4.05 -23.13 20.43
N ASP B 192 5.28 -22.88 20.86
CA ASP B 192 5.59 -22.69 22.26
C ASP B 192 6.96 -22.08 22.31
#